data_6G2W
#
_entry.id   6G2W
#
_cell.length_a   92.103
_cell.length_b   92.103
_cell.length_c   65.863
_cell.angle_alpha   90.00
_cell.angle_beta   90.00
_cell.angle_gamma   120.00
#
_symmetry.space_group_name_H-M   'P 61'
#
loop_
_entity.id
_entity.type
_entity.pdbx_description
1 polymer 'Transitional endoplasmic reticulum ATPase'
2 non-polymer (4S)-2-METHYL-2,4-PENTANEDIOL
3 non-polymer 'DIMETHYL SULFOXIDE'
4 non-polymer "ADENOSINE-5'-DIPHOSPHATE"
5 non-polymer 'SODIUM ION'
6 non-polymer ~{N}-(4-fluorophenyl)-4-methyl-piperazine-1-carboxamide
7 water water
#
_entity_poly.entity_id   1
_entity_poly.type   'polypeptide(L)'
_entity_poly.pdbx_seq_one_letter_code
;GPGSALRETVVEVPQVTWEDIGGLEDVKRELQELVQYPVEHPDKFLKFGMTPSKGVLFYGPPGCGKTLLAKAIANECQAN
FISIKGPELLTMWFGESEANVREIFDKARQAAPCVLFFDELDSIAKARGGNIGDGGGAADRVINQILTEMDGMSTKKNVF
IIGATNRPDIIDPAILRPGRLDQLIYIPLPDEKSRVAILKANLRKSPVAKDVDLEFLAKMTNGFSGADLTEICQRACKLA
IRESIESEIRRERERQTNPSAMEVEEDDPVPEIRRDHFEEAMRFARRSVSDNDIRKYEMFAQTLQQ
;
_entity_poly.pdbx_strand_id   A
#
# COMPACT_ATOMS: atom_id res chain seq x y z
N VAL A 10 -14.83 4.24 -9.28
CA VAL A 10 -15.87 3.98 -8.29
C VAL A 10 -15.46 4.55 -6.92
N VAL A 11 -16.45 4.84 -6.08
CA VAL A 11 -16.22 5.39 -4.74
C VAL A 11 -16.84 4.44 -3.72
N GLU A 12 -15.98 3.79 -2.94
CA GLU A 12 -16.43 2.81 -1.96
C GLU A 12 -15.55 2.87 -0.73
N VAL A 13 -15.95 2.10 0.28
CA VAL A 13 -15.11 1.79 1.43
C VAL A 13 -14.34 0.50 1.12
N PRO A 14 -13.01 0.52 1.12
CA PRO A 14 -12.24 -0.68 0.78
C PRO A 14 -12.47 -1.87 1.71
N GLN A 15 -12.28 -3.06 1.14
CA GLN A 15 -12.32 -4.32 1.89
C GLN A 15 -11.03 -4.58 2.70
N VAL A 16 -9.85 -4.16 2.21
CA VAL A 16 -8.60 -4.61 2.82
C VAL A 16 -8.48 -3.98 4.20
N THR A 17 -7.97 -4.75 5.16
CA THR A 17 -7.80 -4.28 6.53
C THR A 17 -6.35 -4.44 6.93
N TRP A 18 -6.06 -4.06 8.17
CA TRP A 18 -4.69 -4.23 8.66
C TRP A 18 -4.27 -5.71 8.59
N GLU A 19 -5.24 -6.63 8.71
CA GLU A 19 -4.95 -8.06 8.79
C GLU A 19 -4.40 -8.59 7.48
N ASP A 20 -4.71 -7.92 6.37
CA ASP A 20 -4.21 -8.28 5.05
C ASP A 20 -2.83 -7.73 4.77
N ILE A 21 -2.18 -7.05 5.70
CA ILE A 21 -0.90 -6.43 5.43
C ILE A 21 0.17 -7.09 6.30
N GLY A 22 1.11 -7.78 5.67
CA GLY A 22 2.19 -8.43 6.41
C GLY A 22 3.29 -7.45 6.79
N GLY A 23 3.80 -7.59 8.02
CA GLY A 23 4.84 -6.71 8.53
C GLY A 23 4.33 -5.33 8.89
N LEU A 24 5.21 -4.34 8.77
CA LEU A 24 4.92 -2.92 8.94
C LEU A 24 4.16 -2.60 10.25
N GLU A 25 4.37 -3.41 11.30
CA GLU A 25 3.67 -3.19 12.55
C GLU A 25 3.93 -1.79 13.10
N ASP A 26 5.15 -1.31 12.96
CA ASP A 26 5.48 0.06 13.30
C ASP A 26 4.56 1.04 12.59
N VAL A 27 4.63 1.04 11.26
CA VAL A 27 3.86 1.98 10.45
C VAL A 27 2.38 1.88 10.75
N LYS A 28 1.90 0.67 11.06
CA LYS A 28 0.49 0.46 11.27
C LYS A 28 0.02 1.23 12.50
N ARG A 29 0.68 1.05 13.63
CA ARG A 29 0.17 1.75 14.80
C ARG A 29 0.48 3.24 14.74
N GLU A 30 1.49 3.65 13.97
CA GLU A 30 1.66 5.09 13.74
C GLU A 30 0.51 5.66 12.93
N LEU A 31 -0.07 4.87 12.03
CA LEU A 31 -1.18 5.34 11.22
C LEU A 31 -2.46 5.41 12.02
N GLN A 32 -2.63 4.49 12.98
CA GLN A 32 -3.85 4.47 13.75
C GLN A 32 -3.91 5.66 14.71
N GLU A 33 -2.83 5.91 15.44
CA GLU A 33 -2.80 7.08 16.32
C GLU A 33 -2.86 8.38 15.51
N LEU A 34 -2.44 8.36 14.25
CA LEU A 34 -2.68 9.51 13.38
C LEU A 34 -4.14 9.65 12.99
N VAL A 35 -5.00 8.75 13.46
CA VAL A 35 -6.32 8.56 12.88
C VAL A 35 -7.32 8.36 14.01
N GLN A 36 -6.89 7.66 15.05
CA GLN A 36 -7.71 7.34 16.22
C GLN A 36 -7.63 8.41 17.29
N TYR A 37 -6.51 9.14 17.34
CA TYR A 37 -6.36 10.31 18.19
C TYR A 37 -7.53 11.25 17.95
N PRO A 38 -7.79 11.66 16.67
CA PRO A 38 -8.90 12.58 16.40
C PRO A 38 -10.19 12.23 17.09
N VAL A 39 -10.52 10.94 17.13
CA VAL A 39 -11.87 10.47 17.35
C VAL A 39 -12.06 9.84 18.72
N GLU A 40 -11.07 9.07 19.21
CA GLU A 40 -11.26 8.41 20.50
C GLU A 40 -10.84 9.27 21.68
N HIS A 41 -10.22 10.42 21.43
CA HIS A 41 -10.05 11.45 22.45
C HIS A 41 -10.16 12.81 21.81
N PRO A 42 -11.37 13.22 21.41
CA PRO A 42 -11.61 14.63 21.09
C PRO A 42 -11.71 15.52 22.32
N ASP A 43 -11.84 14.91 23.52
CA ASP A 43 -11.83 15.61 24.80
C ASP A 43 -10.44 15.72 25.41
N LYS A 44 -9.39 15.51 24.61
CA LYS A 44 -8.10 16.16 24.79
C LYS A 44 -7.58 16.70 23.47
N PHE A 45 -8.20 16.32 22.35
CA PHE A 45 -8.00 17.05 21.11
C PHE A 45 -8.37 18.51 21.26
N LEU A 46 -9.28 18.83 22.18
CA LEU A 46 -9.43 20.22 22.56
C LEU A 46 -8.20 20.61 23.35
N LYS A 47 -8.05 20.01 24.54
CA LYS A 47 -7.39 20.67 25.67
C LYS A 47 -6.03 21.28 25.36
N PHE A 48 -5.42 20.95 24.21
CA PHE A 48 -4.13 21.54 23.87
C PHE A 48 -4.13 22.28 22.54
N GLY A 49 -5.19 22.13 21.74
CA GLY A 49 -5.30 22.87 20.49
C GLY A 49 -4.60 22.16 19.36
N MET A 50 -4.83 20.85 19.26
CA MET A 50 -4.22 20.05 18.21
C MET A 50 -4.91 20.30 16.86
N THR A 51 -4.13 20.75 15.85
CA THR A 51 -4.60 20.81 14.45
C THR A 51 -4.28 19.48 13.79
N PRO A 52 -5.26 18.61 13.57
CA PRO A 52 -4.95 17.21 13.25
C PRO A 52 -4.19 17.04 11.95
N SER A 53 -3.79 15.79 11.72
CA SER A 53 -3.18 15.34 10.48
C SER A 53 -4.06 15.64 9.28
N LYS A 54 -3.45 15.86 8.12
CA LYS A 54 -4.21 15.85 6.88
C LYS A 54 -3.57 15.06 5.75
N GLY A 55 -2.26 14.76 5.82
CA GLY A 55 -1.60 14.11 4.71
C GLY A 55 -0.33 13.41 5.11
N VAL A 56 -0.10 12.25 4.49
CA VAL A 56 1.17 11.53 4.58
C VAL A 56 1.69 11.34 3.18
N LEU A 57 3.01 11.28 3.07
CA LEU A 57 3.66 10.83 1.84
C LEU A 57 4.37 9.52 2.16
N PHE A 58 3.98 8.46 1.46
CA PHE A 58 4.67 7.17 1.54
C PHE A 58 5.78 7.12 0.49
N TYR A 59 6.88 6.43 0.82
CA TYR A 59 7.93 6.18 -0.17
C TYR A 59 8.63 4.87 0.13
N GLY A 60 9.26 4.34 -0.92
CA GLY A 60 9.98 3.10 -0.89
C GLY A 60 9.85 2.30 -2.17
N PRO A 61 10.45 1.10 -2.15
CA PRO A 61 10.49 0.29 -3.37
C PRO A 61 9.11 -0.10 -3.83
N PRO A 62 8.90 -0.25 -5.14
CA PRO A 62 7.60 -0.68 -5.66
C PRO A 62 7.13 -2.01 -5.09
N GLY A 63 5.84 -2.09 -4.77
CA GLY A 63 5.24 -3.37 -4.48
C GLY A 63 5.37 -3.85 -3.05
N CYS A 64 5.52 -2.94 -2.10
CA CYS A 64 5.63 -3.29 -0.69
C CYS A 64 4.43 -2.85 0.15
N GLY A 65 3.46 -2.17 -0.42
CA GLY A 65 2.20 -2.04 0.30
C GLY A 65 1.79 -0.63 0.62
N LYS A 66 2.24 0.33 -0.20
CA LYS A 66 1.83 1.71 -0.04
C LYS A 66 0.33 1.84 -0.32
N THR A 67 -0.13 1.26 -1.44
CA THR A 67 -1.56 1.20 -1.73
C THR A 67 -2.32 0.45 -0.65
N LEU A 68 -1.82 -0.73 -0.26
CA LEU A 68 -2.53 -1.49 0.76
C LEU A 68 -2.75 -0.65 2.01
N LEU A 69 -1.74 0.12 2.41
CA LEU A 69 -1.85 0.86 3.64
C LEU A 69 -2.86 1.98 3.50
N ALA A 70 -2.93 2.60 2.34
CA ALA A 70 -3.85 3.72 2.17
C ALA A 70 -5.29 3.22 2.15
N LYS A 71 -5.56 2.15 1.42
CA LYS A 71 -6.88 1.53 1.44
C LYS A 71 -7.27 1.13 2.85
N ALA A 72 -6.36 0.48 3.57
CA ALA A 72 -6.64 0.01 4.94
C ALA A 72 -6.82 1.14 5.92
N ILE A 73 -6.27 2.31 5.63
CA ILE A 73 -6.62 3.48 6.44
C ILE A 73 -8.08 3.86 6.24
N ALA A 74 -8.56 3.81 5.00
CA ALA A 74 -9.94 4.14 4.75
C ALA A 74 -10.87 3.07 5.27
N ASN A 75 -10.40 1.83 5.38
CA ASN A 75 -11.26 0.78 5.92
C ASN A 75 -11.42 0.93 7.43
N GLU A 76 -10.43 1.53 8.11
CA GLU A 76 -10.53 1.61 9.55
C GLU A 76 -11.40 2.77 9.97
N CYS A 77 -11.42 3.83 9.17
CA CYS A 77 -12.20 5.04 9.36
C CYS A 77 -13.58 4.93 8.76
N GLN A 78 -13.92 3.81 8.10
CA GLN A 78 -15.19 3.69 7.39
C GLN A 78 -15.31 4.81 6.35
N ALA A 79 -14.29 4.96 5.50
CA ALA A 79 -14.16 6.15 4.69
C ALA A 79 -14.19 5.81 3.20
N ASN A 80 -14.58 6.77 2.39
CA ASN A 80 -14.54 6.59 0.95
C ASN A 80 -13.10 6.60 0.44
N PHE A 81 -12.87 5.90 -0.68
CA PHE A 81 -11.52 5.79 -1.25
C PHE A 81 -11.51 6.26 -2.69
N ILE A 82 -10.82 7.37 -2.95
CA ILE A 82 -10.68 7.94 -4.29
C ILE A 82 -9.21 7.89 -4.66
N SER A 83 -8.89 7.26 -5.78
CA SER A 83 -7.52 7.01 -6.20
C SER A 83 -7.24 7.60 -7.57
N ILE A 84 -6.29 8.53 -7.65
CA ILE A 84 -5.83 9.10 -8.90
C ILE A 84 -4.39 8.69 -9.13
N LYS A 85 -4.12 8.13 -10.31
CA LYS A 85 -2.79 7.69 -10.69
C LYS A 85 -2.08 8.83 -11.41
N GLY A 86 -0.81 9.03 -11.06
CA GLY A 86 -0.01 10.16 -11.52
C GLY A 86 -0.17 10.63 -12.96
N PRO A 87 0.08 9.75 -13.93
CA PRO A 87 0.14 10.22 -15.31
C PRO A 87 -1.20 10.70 -15.86
N GLU A 88 -2.30 10.08 -15.48
CA GLU A 88 -3.57 10.44 -16.08
C GLU A 88 -4.04 11.88 -15.73
N LEU A 89 -3.21 12.76 -15.18
CA LEU A 89 -3.58 14.16 -14.99
C LEU A 89 -3.08 15.04 -16.13
N LEU A 90 -3.16 14.55 -17.37
CA LEU A 90 -2.64 15.27 -18.54
C LEU A 90 -3.68 15.30 -19.66
N THR A 91 -3.99 16.50 -20.15
CA THR A 91 -4.80 16.70 -21.36
C THR A 91 -4.31 17.94 -22.11
N SER A 97 -5.70 22.01 -18.52
CA SER A 97 -5.88 20.70 -17.89
C SER A 97 -5.57 20.76 -16.41
N GLU A 98 -5.62 21.97 -15.84
CA GLU A 98 -5.42 22.18 -14.41
C GLU A 98 -6.68 21.96 -13.60
N ALA A 99 -7.86 22.22 -14.19
CA ALA A 99 -9.10 22.06 -13.45
C ALA A 99 -9.37 20.61 -13.09
N ASN A 100 -8.68 19.67 -13.75
CA ASN A 100 -8.74 18.28 -13.33
C ASN A 100 -8.35 18.14 -11.87
N VAL A 101 -7.33 18.89 -11.43
CA VAL A 101 -6.95 18.84 -10.03
C VAL A 101 -8.08 19.42 -9.16
N ARG A 102 -8.72 20.48 -9.63
CA ARG A 102 -9.85 21.04 -8.88
C ARG A 102 -11.00 20.06 -8.85
N GLU A 103 -11.31 19.48 -9.99
CA GLU A 103 -12.40 18.51 -10.11
C GLU A 103 -12.25 17.36 -9.12
N ILE A 104 -11.01 16.89 -8.90
CA ILE A 104 -10.79 15.72 -8.05
C ILE A 104 -10.99 16.09 -6.59
N PHE A 105 -10.51 17.26 -6.17
CA PHE A 105 -10.69 17.63 -4.78
C PHE A 105 -12.15 17.90 -4.45
N ASP A 106 -12.89 18.51 -5.39
CA ASP A 106 -14.32 18.72 -5.19
C ASP A 106 -15.05 17.39 -5.06
N LYS A 107 -14.68 16.40 -5.88
CA LYS A 107 -15.34 15.10 -5.78
C LYS A 107 -15.01 14.40 -4.48
N ALA A 108 -13.82 14.65 -3.92
CA ALA A 108 -13.43 14.04 -2.65
C ALA A 108 -13.97 14.84 -1.47
N ARG A 109 -14.23 16.13 -1.66
CA ARG A 109 -15.06 16.85 -0.70
C ARG A 109 -16.47 16.28 -0.69
N GLN A 110 -17.04 16.10 -1.88
CA GLN A 110 -18.40 15.56 -1.99
C GLN A 110 -18.51 14.21 -1.34
N ALA A 111 -17.42 13.44 -1.30
CA ALA A 111 -17.50 12.06 -0.84
C ALA A 111 -17.09 11.88 0.61
N ALA A 112 -16.85 12.97 1.36
CA ALA A 112 -16.43 12.94 2.77
C ALA A 112 -17.35 12.09 3.64
N PRO A 113 -16.82 11.44 4.70
CA PRO A 113 -15.39 11.26 4.92
C PRO A 113 -14.77 10.44 3.81
N CYS A 114 -13.59 10.85 3.38
CA CYS A 114 -12.97 10.26 2.22
C CYS A 114 -11.45 10.26 2.37
N VAL A 115 -10.82 9.20 1.84
CA VAL A 115 -9.36 9.14 1.67
C VAL A 115 -9.05 9.35 0.19
N LEU A 116 -8.23 10.36 -0.11
CA LEU A 116 -7.86 10.73 -1.47
C LEU A 116 -6.39 10.38 -1.72
N PHE A 117 -6.15 9.41 -2.59
CA PHE A 117 -4.87 8.73 -2.77
C PHE A 117 -4.23 9.12 -4.09
N PHE A 118 -3.09 9.81 -4.01
CA PHE A 118 -2.32 10.18 -5.20
C PHE A 118 -1.25 9.12 -5.42
N ASP A 119 -1.42 8.35 -6.47
CA ASP A 119 -0.52 7.27 -6.77
C ASP A 119 0.38 7.66 -7.93
N GLU A 120 1.61 7.14 -7.90
CA GLU A 120 2.54 7.23 -9.02
C GLU A 120 2.87 8.68 -9.37
N LEU A 121 3.18 9.47 -8.35
CA LEU A 121 3.45 10.87 -8.65
C LEU A 121 4.93 11.18 -8.60
N ASP A 122 5.75 10.12 -8.64
CA ASP A 122 7.12 10.23 -9.14
C ASP A 122 7.12 10.51 -10.64
N SER A 123 6.09 10.02 -11.35
CA SER A 123 5.90 10.39 -12.75
C SER A 123 5.83 11.90 -12.91
N ILE A 124 5.13 12.57 -12.00
CA ILE A 124 4.94 14.01 -12.09
C ILE A 124 6.27 14.72 -11.84
N ALA A 125 7.05 14.21 -10.90
CA ALA A 125 8.30 14.86 -10.51
C ALA A 125 9.30 14.85 -11.67
N LYS A 126 8.93 14.22 -12.78
CA LYS A 126 9.71 14.23 -14.03
C LYS A 126 11.05 13.57 -13.79
N ALA A 138 4.20 23.86 -17.66
CA ALA A 138 3.54 22.61 -18.04
C ALA A 138 3.10 21.86 -16.79
N ALA A 139 3.69 20.67 -16.59
CA ALA A 139 3.51 19.95 -15.34
C ALA A 139 3.93 20.77 -14.14
N ASP A 140 4.66 21.86 -14.38
CA ASP A 140 5.08 22.82 -13.37
C ASP A 140 4.01 23.03 -12.30
N ARG A 141 2.79 23.36 -12.71
CA ARG A 141 1.82 23.87 -11.77
C ARG A 141 0.60 22.98 -11.58
N VAL A 142 0.47 21.88 -12.32
CA VAL A 142 -0.42 20.84 -11.81
C VAL A 142 0.07 20.38 -10.45
N ILE A 143 1.37 20.54 -10.18
CA ILE A 143 1.86 20.53 -8.81
C ILE A 143 1.32 21.73 -8.03
N ASN A 144 1.47 22.93 -8.58
CA ASN A 144 0.97 24.12 -7.89
C ASN A 144 -0.55 24.06 -7.75
N GLN A 145 -1.23 23.51 -8.74
CA GLN A 145 -2.67 23.35 -8.55
C GLN A 145 -3.00 22.22 -7.61
N ILE A 146 -2.02 21.37 -7.27
CA ILE A 146 -2.22 20.43 -6.18
C ILE A 146 -1.96 21.09 -4.83
N LEU A 147 -0.90 21.89 -4.71
CA LEU A 147 -0.52 22.42 -3.41
C LEU A 147 -1.51 23.44 -2.89
N THR A 148 -2.00 24.34 -3.76
CA THR A 148 -2.92 25.36 -3.28
C THR A 148 -4.26 24.73 -2.88
N GLU A 149 -4.76 23.78 -3.69
CA GLU A 149 -5.94 22.99 -3.31
C GLU A 149 -5.79 22.36 -1.93
N MET A 150 -4.57 22.01 -1.55
CA MET A 150 -4.29 21.41 -0.25
C MET A 150 -4.39 22.45 0.87
N ASP A 151 -3.92 23.68 0.63
CA ASP A 151 -3.94 24.72 1.65
C ASP A 151 -5.36 25.28 1.87
N GLY A 152 -6.19 25.29 0.84
CA GLY A 152 -7.55 25.76 0.93
C GLY A 152 -8.56 24.67 1.17
N MET A 153 -8.18 23.69 1.99
CA MET A 153 -9.10 22.65 2.45
C MET A 153 -8.82 22.39 3.91
N SER A 154 -9.79 22.68 4.76
CA SER A 154 -9.62 22.63 6.20
C SER A 154 -9.56 21.19 6.69
N THR A 155 -9.03 21.02 7.91
CA THR A 155 -9.14 19.73 8.59
C THR A 155 -10.60 19.26 8.68
N LYS A 156 -11.54 20.21 8.75
CA LYS A 156 -12.93 19.90 9.06
C LYS A 156 -13.70 19.35 7.87
N LYS A 157 -13.14 19.39 6.66
CA LYS A 157 -13.78 18.78 5.52
C LYS A 157 -13.70 17.26 5.55
N ASN A 158 -12.98 16.68 6.51
CA ASN A 158 -12.88 15.22 6.67
C ASN A 158 -12.34 14.53 5.40
N VAL A 159 -11.36 15.16 4.74
CA VAL A 159 -10.69 14.56 3.60
C VAL A 159 -9.22 14.37 3.96
N PHE A 160 -8.77 13.12 3.99
CA PHE A 160 -7.41 12.75 4.35
C PHE A 160 -6.64 12.38 3.08
N ILE A 161 -5.49 13.01 2.89
CA ILE A 161 -4.71 12.85 1.66
C ILE A 161 -3.52 11.94 1.93
N ILE A 162 -3.26 11.02 1.00
CA ILE A 162 -2.13 10.11 1.03
C ILE A 162 -1.47 10.17 -0.33
N GLY A 163 -0.12 10.22 -0.35
CA GLY A 163 0.64 10.14 -1.57
C GLY A 163 1.66 9.00 -1.54
N ALA A 164 2.08 8.54 -2.71
CA ALA A 164 3.07 7.47 -2.78
C ALA A 164 4.03 7.69 -3.94
N THR A 165 5.33 7.51 -3.69
CA THR A 165 6.36 7.60 -4.74
C THR A 165 7.40 6.50 -4.59
N ASN A 166 7.97 6.08 -5.72
CA ASN A 166 9.12 5.17 -5.74
CA ASN A 166 9.12 5.19 -5.70
C ASN A 166 10.42 5.91 -5.96
N ARG A 167 10.38 7.23 -6.08
CA ARG A 167 11.54 8.05 -6.43
C ARG A 167 11.71 9.16 -5.41
N PRO A 168 11.99 8.80 -4.15
CA PRO A 168 12.10 9.84 -3.12
C PRO A 168 13.18 10.87 -3.42
N ASP A 169 14.11 10.56 -4.32
CA ASP A 169 15.15 11.53 -4.67
C ASP A 169 14.59 12.79 -5.31
N ILE A 170 13.38 12.76 -5.88
CA ILE A 170 12.89 13.92 -6.63
C ILE A 170 11.58 14.45 -6.06
N ILE A 171 11.52 14.51 -4.73
CA ILE A 171 10.38 15.07 -4.02
C ILE A 171 10.61 16.56 -3.83
N ASP A 172 9.76 17.38 -4.44
CA ASP A 172 9.76 18.80 -4.12
C ASP A 172 9.30 18.99 -2.67
N PRO A 173 10.16 19.47 -1.76
CA PRO A 173 9.78 19.57 -0.34
C PRO A 173 8.68 20.59 -0.05
N ALA A 174 8.23 21.37 -1.04
CA ALA A 174 7.06 22.21 -0.83
C ALA A 174 5.89 21.36 -0.33
N ILE A 175 5.73 20.15 -0.88
CA ILE A 175 4.63 19.25 -0.52
C ILE A 175 4.84 18.60 0.84
N LEU A 176 5.87 18.98 1.57
CA LEU A 176 6.02 18.51 2.94
C LEU A 176 6.03 19.66 3.92
N ARG A 177 5.77 20.86 3.44
CA ARG A 177 5.64 22.00 4.35
C ARG A 177 4.45 21.76 5.26
N PRO A 178 4.62 21.88 6.57
CA PRO A 178 3.47 21.74 7.48
C PRO A 178 2.22 22.44 6.98
N GLY A 179 1.14 21.67 6.89
CA GLY A 179 -0.08 22.07 6.23
C GLY A 179 -0.46 21.18 5.06
N ARG A 180 0.52 20.48 4.51
CA ARG A 180 0.28 19.60 3.39
C ARG A 180 0.52 18.17 3.82
N LEU A 181 1.35 17.46 3.07
CA LEU A 181 1.73 16.10 3.43
C LEU A 181 2.73 16.15 4.59
N ASP A 182 2.22 16.57 5.75
CA ASP A 182 2.82 16.39 7.06
C ASP A 182 3.90 15.31 7.14
N GLN A 183 3.46 14.06 7.25
CA GLN A 183 4.35 12.98 7.65
C GLN A 183 4.89 12.23 6.45
N LEU A 184 6.19 11.99 6.47
CA LEU A 184 6.88 11.21 5.45
C LEU A 184 7.22 9.84 6.02
N ILE A 185 6.65 8.78 5.44
CA ILE A 185 6.76 7.42 5.97
C ILE A 185 7.46 6.49 4.96
N TYR A 186 8.61 5.92 5.38
CA TYR A 186 9.37 4.96 4.58
C TYR A 186 8.65 3.62 4.63
N ILE A 187 8.46 3.00 3.46
CA ILE A 187 7.89 1.65 3.40
C ILE A 187 8.93 0.72 2.78
N PRO A 188 9.59 -0.13 3.57
CA PRO A 188 10.77 -0.86 3.05
C PRO A 188 10.49 -2.23 2.45
N LEU A 189 11.52 -2.89 1.91
CA LEU A 189 11.37 -4.27 1.53
C LEU A 189 11.20 -5.12 2.78
N PRO A 190 10.39 -6.17 2.73
CA PRO A 190 10.19 -7.01 3.91
C PRO A 190 11.47 -7.77 4.30
N ASP A 191 11.86 -7.63 5.57
CA ASP A 191 12.88 -8.49 6.13
C ASP A 191 12.33 -9.93 6.24
N GLU A 192 13.08 -10.82 6.88
CA GLU A 192 12.68 -12.22 6.92
C GLU A 192 11.36 -12.41 7.67
N LYS A 193 11.21 -11.78 8.84
CA LYS A 193 9.97 -11.87 9.62
C LYS A 193 8.78 -11.36 8.82
N SER A 194 8.95 -10.21 8.19
CA SER A 194 7.89 -9.63 7.39
C SER A 194 7.42 -10.59 6.31
N ARG A 195 8.36 -11.28 5.66
CA ARG A 195 8.01 -12.18 4.58
C ARG A 195 7.19 -13.36 5.07
N VAL A 196 7.41 -13.82 6.30
CA VAL A 196 6.51 -14.84 6.84
C VAL A 196 5.12 -14.24 7.04
N ALA A 197 5.06 -12.98 7.49
CA ALA A 197 3.77 -12.34 7.67
C ALA A 197 3.07 -12.14 6.33
N ILE A 198 3.83 -11.78 5.29
CA ILE A 198 3.21 -11.53 4.00
C ILE A 198 2.69 -12.82 3.39
N LEU A 199 3.50 -13.89 3.44
CA LEU A 199 2.99 -15.19 2.99
C LEU A 199 1.77 -15.60 3.81
N LYS A 200 1.88 -15.56 5.14
CA LYS A 200 0.77 -15.96 6.00
C LYS A 200 -0.50 -15.17 5.70
N ALA A 201 -0.39 -13.85 5.48
CA ALA A 201 -1.56 -13.04 5.25
C ALA A 201 -2.20 -13.35 3.89
N ASN A 202 -1.41 -13.35 2.82
CA ASN A 202 -1.97 -13.69 1.51
C ASN A 202 -2.73 -15.01 1.55
N LEU A 203 -2.41 -15.91 2.48
CA LEU A 203 -2.91 -17.27 2.43
C LEU A 203 -3.99 -17.51 3.47
N ARG A 204 -4.36 -16.47 4.20
CA ARG A 204 -5.12 -16.59 5.44
C ARG A 204 -6.47 -17.30 5.25
N LYS A 205 -6.98 -17.42 4.00
CA LYS A 205 -8.27 -18.07 3.73
C LYS A 205 -8.19 -19.16 2.66
N SER A 206 -6.99 -19.63 2.27
CA SER A 206 -6.92 -20.79 1.38
C SER A 206 -6.58 -22.03 2.17
N PRO A 207 -6.90 -23.21 1.64
CA PRO A 207 -6.49 -24.45 2.30
C PRO A 207 -5.09 -24.86 1.85
N VAL A 208 -4.13 -24.76 2.74
CA VAL A 208 -2.75 -25.06 2.39
C VAL A 208 -2.33 -26.28 3.20
N ALA A 209 -1.61 -27.18 2.56
CA ALA A 209 -1.29 -28.45 3.19
C ALA A 209 -0.35 -28.25 4.37
N LYS A 210 -0.33 -29.21 5.30
CA LYS A 210 0.46 -28.98 6.52
C LYS A 210 1.94 -29.21 6.33
N ASP A 211 2.34 -29.84 5.23
CA ASP A 211 3.74 -29.95 4.89
C ASP A 211 4.35 -28.63 4.39
N VAL A 212 3.60 -27.53 4.35
CA VAL A 212 4.11 -26.30 3.75
C VAL A 212 4.80 -25.46 4.82
N ASP A 213 6.05 -25.08 4.54
CA ASP A 213 6.92 -24.39 5.48
C ASP A 213 7.16 -22.98 4.92
N LEU A 214 6.42 -22.01 5.44
CA LEU A 214 6.57 -20.63 4.99
C LEU A 214 7.79 -19.96 5.62
N GLU A 215 8.22 -20.42 6.79
CA GLU A 215 9.42 -19.86 7.41
C GLU A 215 10.65 -20.20 6.57
N PHE A 216 10.66 -21.39 5.99
CA PHE A 216 11.76 -21.77 5.12
C PHE A 216 11.63 -21.10 3.76
N LEU A 217 10.41 -20.83 3.33
CA LEU A 217 10.19 -20.08 2.09
C LEU A 217 10.60 -18.62 2.25
N ALA A 218 10.40 -18.05 3.44
CA ALA A 218 10.89 -16.71 3.70
C ALA A 218 12.42 -16.68 3.70
N LYS A 219 13.05 -17.69 4.31
CA LYS A 219 14.51 -17.80 4.28
C LYS A 219 15.04 -17.79 2.85
N MET A 220 14.32 -18.41 1.92
CA MET A 220 14.80 -18.57 0.54
C MET A 220 14.41 -17.42 -0.39
N THR A 221 13.98 -16.25 0.13
CA THR A 221 13.44 -15.18 -0.72
C THR A 221 13.89 -13.79 -0.25
N ASN A 222 15.10 -13.67 0.28
CA ASN A 222 15.64 -12.36 0.64
C ASN A 222 15.62 -11.40 -0.55
N GLY A 223 15.19 -10.18 -0.31
CA GLY A 223 15.07 -9.21 -1.37
C GLY A 223 13.80 -9.29 -2.20
N PHE A 224 12.93 -10.26 -1.90
CA PHE A 224 11.66 -10.33 -2.60
C PHE A 224 10.77 -9.21 -2.10
N SER A 225 10.03 -8.57 -3.00
CA SER A 225 9.01 -7.61 -2.59
C SER A 225 7.76 -8.34 -2.14
N GLY A 226 6.83 -7.57 -1.56
CA GLY A 226 5.52 -8.10 -1.24
C GLY A 226 4.80 -8.62 -2.47
N ALA A 227 4.80 -7.82 -3.55
CA ALA A 227 4.29 -8.29 -4.83
C ALA A 227 4.99 -9.58 -5.26
N ASP A 228 6.33 -9.61 -5.24
CA ASP A 228 7.08 -10.85 -5.53
C ASP A 228 6.52 -12.03 -4.74
N LEU A 229 6.40 -11.88 -3.42
CA LEU A 229 5.88 -12.97 -2.59
C LEU A 229 4.52 -13.42 -3.09
N THR A 230 3.57 -12.48 -3.27
CA THR A 230 2.20 -12.83 -3.64
C THR A 230 2.17 -13.63 -4.94
N GLU A 231 3.07 -13.33 -5.87
CA GLU A 231 3.03 -14.05 -7.14
C GLU A 231 3.25 -15.53 -6.94
N ILE A 232 4.21 -15.89 -6.08
CA ILE A 232 4.45 -17.30 -5.80
C ILE A 232 3.18 -17.95 -5.31
N CYS A 233 2.53 -17.32 -4.32
CA CYS A 233 1.26 -17.81 -3.81
C CYS A 233 0.23 -18.01 -4.92
N GLN A 234 0.10 -17.04 -5.82
CA GLN A 234 -0.95 -17.16 -6.84
C GLN A 234 -0.67 -18.30 -7.81
N ARG A 235 0.60 -18.53 -8.16
CA ARG A 235 0.96 -19.66 -9.01
C ARG A 235 0.74 -20.99 -8.30
N ALA A 236 1.13 -21.09 -7.02
CA ALA A 236 0.85 -22.32 -6.29
C ALA A 236 -0.63 -22.59 -6.21
N CYS A 237 -1.44 -21.55 -6.19
CA CYS A 237 -2.89 -21.71 -6.13
C CYS A 237 -3.44 -22.13 -7.49
N LYS A 238 -2.98 -21.50 -8.57
CA LYS A 238 -3.39 -21.94 -9.90
C LYS A 238 -3.13 -23.43 -10.11
N LEU A 239 -1.93 -23.91 -9.74
CA LEU A 239 -1.58 -25.30 -10.05
C LEU A 239 -2.36 -26.28 -9.19
N ALA A 240 -2.62 -25.94 -7.93
CA ALA A 240 -3.52 -26.77 -7.12
C ALA A 240 -4.92 -26.79 -7.71
N ILE A 241 -5.32 -25.72 -8.39
CA ILE A 241 -6.64 -25.64 -9.01
C ILE A 241 -6.69 -26.47 -10.28
N ARG A 242 -5.69 -26.31 -11.15
CA ARG A 242 -5.66 -27.07 -12.39
C ARG A 242 -5.53 -28.57 -12.12
N GLU A 243 -4.73 -28.95 -11.11
CA GLU A 243 -4.62 -30.36 -10.77
C GLU A 243 -5.96 -30.91 -10.28
N SER A 244 -6.68 -30.13 -9.46
CA SER A 244 -7.97 -30.61 -8.96
C SER A 244 -8.97 -30.75 -10.11
N ILE A 245 -8.95 -29.81 -11.05
CA ILE A 245 -9.79 -29.90 -12.25
C ILE A 245 -9.52 -31.20 -13.01
N GLU A 246 -8.27 -31.41 -13.39
CA GLU A 246 -7.92 -32.54 -14.24
C GLU A 246 -8.16 -33.88 -13.56
N SER A 247 -7.96 -33.94 -12.25
CA SER A 247 -8.04 -35.25 -11.58
C SER A 247 -9.48 -35.73 -11.50
N GLU A 248 -10.40 -34.87 -11.07
CA GLU A 248 -11.77 -35.32 -11.04
C GLU A 248 -12.43 -35.24 -12.41
N ILE A 249 -11.77 -34.68 -13.41
CA ILE A 249 -12.06 -35.08 -14.78
C ILE A 249 -11.73 -36.55 -14.98
N ARG A 250 -10.55 -36.98 -14.50
CA ARG A 250 -10.18 -38.39 -14.60
C ARG A 250 -11.07 -39.26 -13.74
N ARG A 251 -11.22 -38.92 -12.46
CA ARG A 251 -11.90 -39.83 -11.54
C ARG A 251 -13.38 -40.03 -11.87
N GLU A 252 -13.88 -39.45 -12.95
CA GLU A 252 -15.23 -39.72 -13.43
C GLU A 252 -15.26 -40.82 -14.49
N ARG A 253 -14.11 -41.27 -14.97
CA ARG A 253 -14.12 -42.38 -15.92
C ARG A 253 -14.35 -43.71 -15.21
N GLU A 254 -13.64 -43.93 -14.09
CA GLU A 254 -13.60 -45.20 -13.35
C GLU A 254 -13.70 -46.40 -14.27
N PRO A 269 -14.67 -33.23 0.27
CA PRO A 269 -13.21 -33.40 0.26
C PRO A 269 -12.46 -32.23 -0.40
N VAL A 270 -12.16 -31.18 0.36
CA VAL A 270 -11.59 -29.94 -0.17
C VAL A 270 -10.11 -30.18 -0.51
N PRO A 271 -9.68 -29.93 -1.75
CA PRO A 271 -8.26 -30.11 -2.07
C PRO A 271 -7.41 -29.04 -1.41
N GLU A 272 -6.09 -29.22 -1.50
CA GLU A 272 -5.16 -28.36 -0.80
C GLU A 272 -4.11 -27.84 -1.77
N ILE A 273 -3.35 -26.85 -1.31
CA ILE A 273 -2.12 -26.46 -1.98
C ILE A 273 -0.97 -27.12 -1.22
N ARG A 274 -0.37 -28.14 -1.84
CA ARG A 274 0.68 -28.92 -1.23
C ARG A 274 2.03 -28.24 -1.40
N ARG A 275 3.02 -28.77 -0.67
CA ARG A 275 4.40 -28.35 -0.86
C ARG A 275 4.84 -28.45 -2.32
N ASP A 276 4.36 -29.47 -3.06
CA ASP A 276 4.87 -29.58 -4.43
C ASP A 276 4.26 -28.56 -5.37
N HIS A 277 3.08 -28.00 -5.09
CA HIS A 277 2.62 -26.87 -5.87
C HIS A 277 3.55 -25.66 -5.69
N PHE A 278 4.14 -25.55 -4.50
CA PHE A 278 5.03 -24.43 -4.20
C PHE A 278 6.41 -24.63 -4.81
N GLU A 279 6.95 -25.86 -4.78
CA GLU A 279 8.19 -26.15 -5.49
C GLU A 279 8.11 -25.73 -6.94
N GLU A 280 7.00 -26.06 -7.60
CA GLU A 280 6.88 -25.76 -9.02
C GLU A 280 6.58 -24.30 -9.28
N ALA A 281 6.09 -23.56 -8.28
CA ALA A 281 5.88 -22.13 -8.47
C ALA A 281 7.19 -21.34 -8.47
N MET A 282 8.27 -21.89 -7.94
CA MET A 282 9.49 -21.13 -7.73
C MET A 282 10.45 -21.13 -8.91
N ARG A 283 10.31 -22.08 -9.83
CA ARG A 283 10.99 -21.93 -11.12
C ARG A 283 10.74 -20.54 -11.69
N PHE A 284 9.49 -20.07 -11.58
CA PHE A 284 9.05 -18.79 -12.10
C PHE A 284 9.30 -17.60 -11.18
N ALA A 285 10.26 -17.69 -10.25
CA ALA A 285 10.35 -16.71 -9.16
C ALA A 285 11.75 -16.12 -9.01
N ARG A 286 11.84 -14.80 -9.16
CA ARG A 286 13.03 -14.07 -8.73
C ARG A 286 12.66 -12.61 -8.46
N ARG A 287 13.46 -11.99 -7.60
CA ARG A 287 13.34 -10.60 -7.18
C ARG A 287 13.04 -9.65 -8.32
N SER A 288 12.20 -8.66 -8.03
CA SER A 288 11.85 -7.65 -9.02
C SER A 288 12.59 -6.34 -8.80
N VAL A 289 13.27 -6.15 -7.67
CA VAL A 289 13.94 -4.89 -7.36
C VAL A 289 15.45 -5.13 -7.26
N SER A 290 16.23 -4.29 -7.93
CA SER A 290 17.66 -4.50 -8.08
C SER A 290 18.42 -4.11 -6.83
N ASP A 291 19.58 -4.75 -6.64
CA ASP A 291 20.39 -4.53 -5.42
C ASP A 291 20.93 -3.11 -5.35
N ASN A 292 21.33 -2.56 -6.50
CA ASN A 292 21.72 -1.16 -6.55
C ASN A 292 20.59 -0.27 -6.07
N ASP A 293 19.37 -0.51 -6.55
CA ASP A 293 18.23 0.32 -6.15
C ASP A 293 17.95 0.18 -4.65
N ILE A 294 17.89 -1.05 -4.14
CA ILE A 294 17.92 -1.27 -2.70
C ILE A 294 18.86 -0.32 -1.96
N ARG A 295 20.12 -0.24 -2.42
CA ARG A 295 21.06 0.65 -1.75
C ARG A 295 20.58 2.09 -1.77
N LYS A 296 20.06 2.53 -2.92
CA LYS A 296 19.60 3.91 -3.04
C LYS A 296 18.51 4.24 -2.02
N TYR A 297 17.55 3.33 -1.84
CA TYR A 297 16.52 3.54 -0.83
C TYR A 297 17.11 3.50 0.57
N GLU A 298 17.88 2.45 0.87
CA GLU A 298 18.52 2.30 2.17
C GLU A 298 19.25 3.58 2.57
N MET A 299 19.99 4.17 1.62
CA MET A 299 20.72 5.38 1.93
C MET A 299 19.76 6.53 2.17
N PHE A 300 18.75 6.67 1.30
CA PHE A 300 17.80 7.77 1.44
C PHE A 300 17.12 7.74 2.81
N ALA A 301 16.61 6.57 3.21
CA ALA A 301 15.93 6.49 4.50
C ALA A 301 16.90 6.65 5.66
N GLN A 302 18.02 5.94 5.62
CA GLN A 302 18.95 5.98 6.75
C GLN A 302 19.61 7.34 6.93
N THR A 303 19.38 8.28 6.03
CA THR A 303 19.80 9.65 6.28
C THR A 303 18.67 10.54 6.78
N LEU A 304 17.45 10.02 6.89
CA LEU A 304 16.46 10.60 7.78
C LEU A 304 16.40 9.87 9.12
N GLN A 305 17.50 9.26 9.53
CA GLN A 305 17.58 8.54 10.81
C GLN A 305 16.63 7.34 10.82
#